data_2DZA
#
_entry.id   2DZA
#
_cell.length_a   110.598
_cell.length_b   110.598
_cell.length_c   88.552
_cell.angle_alpha   90.00
_cell.angle_beta   90.00
_cell.angle_gamma   120.00
#
_symmetry.space_group_name_H-M   'P 65'
#
loop_
_entity.id
_entity.type
_entity.pdbx_description
1 polymer 'Dihydropteroate synthase'
2 non-polymer '4-AMINOBENZOIC ACID'
3 water water
#
_entity_poly.entity_id   1
_entity_poly.type   'polypeptide(L)'
_entity_poly.pdbx_seq_one_letter_code
;MGAPPLGPTIIPPVRTLWLRDRALDLDRVRLLGVLNLTPDSFSDGGRYLDPERALERAREMVAEGADILDLGAESTRPGA
APVPVEEEKRRLLPVLEAVLSLGVPVSVDTRKPEVAEEALKLGAHLLNDVTGLRDERMVALAARHGVAAVVMHMPVPDPA
TMMAHARYRDVVAEVKAFLEAQARRALSAGVPQVVLDPGFGFGKLLEHNLALLRRLDEIVALGHPVLVGLSRKRTIGELS
GVEDPAQRVHGSVAAHLFAVMKGVRLLRVHDVRAHREALGVWEALYGGDRPSRA
;
_entity_poly.pdbx_strand_id   A,B
#
loop_
_chem_comp.id
_chem_comp.type
_chem_comp.name
_chem_comp.formula
PAB non-polymer '4-AMINOBENZOIC ACID' 'C7 H7 N O2'
#
# COMPACT_ATOMS: atom_id res chain seq x y z
N VAL A 14 -25.64 -1.47 -4.74
CA VAL A 14 -24.65 -2.44 -4.19
C VAL A 14 -25.07 -2.89 -2.79
N ARG A 15 -24.21 -3.67 -2.15
CA ARG A 15 -24.47 -4.19 -0.81
C ARG A 15 -24.35 -3.11 0.26
N THR A 16 -25.02 -3.35 1.39
CA THR A 16 -24.99 -2.40 2.50
C THR A 16 -24.80 -3.12 3.82
N LEU A 17 -24.46 -2.35 4.85
CA LEU A 17 -24.28 -2.88 6.20
C LEU A 17 -25.36 -2.23 7.05
N TRP A 18 -26.19 -3.06 7.66
CA TRP A 18 -27.26 -2.58 8.52
C TRP A 18 -26.70 -2.13 9.86
N LEU A 19 -26.99 -0.87 10.23
CA LEU A 19 -26.49 -0.33 11.49
C LEU A 19 -27.57 0.21 12.44
N ARG A 20 -28.39 -0.72 12.92
CA ARG A 20 -29.48 -0.46 13.86
C ARG A 20 -30.62 0.44 13.36
N ASP A 21 -30.29 1.61 12.83
CA ASP A 21 -31.31 2.53 12.33
C ASP A 21 -30.99 3.18 10.99
N ARG A 22 -30.04 2.61 10.25
CA ARG A 22 -29.67 3.11 8.94
C ARG A 22 -28.84 2.06 8.25
N ALA A 23 -28.62 2.23 6.95
CA ALA A 23 -27.79 1.29 6.20
C ALA A 23 -26.57 2.04 5.71
N LEU A 24 -25.41 1.40 5.79
CA LEU A 24 -24.17 2.02 5.33
C LEU A 24 -23.82 1.37 4.00
N ASP A 25 -23.62 2.20 2.97
CA ASP A 25 -23.28 1.69 1.64
C ASP A 25 -21.88 1.09 1.61
N LEU A 26 -21.76 -0.12 1.07
CA LEU A 26 -20.46 -0.76 0.94
C LEU A 26 -19.91 -0.63 -0.48
N ASP A 27 -20.40 0.42 -1.18
CA ASP A 27 -19.88 0.69 -2.51
C ASP A 27 -18.39 1.07 -2.45
N ARG A 28 -17.97 1.48 -1.24
CA ARG A 28 -16.56 1.74 -1.02
C ARG A 28 -16.10 1.17 0.32
N VAL A 29 -14.81 1.00 0.55
CA VAL A 29 -14.33 0.44 1.81
C VAL A 29 -14.69 1.32 3.00
N ARG A 30 -15.20 0.69 4.06
CA ARG A 30 -15.59 1.38 5.27
C ARG A 30 -14.64 0.99 6.41
N LEU A 31 -14.31 1.96 7.26
CA LEU A 31 -13.38 1.72 8.36
C LEU A 31 -13.99 1.75 9.75
N LEU A 32 -13.63 0.75 10.55
CA LEU A 32 -14.06 0.67 11.93
C LEU A 32 -12.83 1.11 12.71
N GLY A 33 -12.85 2.32 13.25
CA GLY A 33 -11.71 2.82 14.01
C GLY A 33 -11.71 2.28 15.43
N VAL A 34 -10.60 1.68 15.84
CA VAL A 34 -10.51 1.10 17.18
C VAL A 34 -10.23 2.07 18.32
N LEU A 35 -11.05 1.94 19.36
CA LEU A 35 -10.92 2.75 20.58
C LEU A 35 -10.92 1.78 21.76
N ASN A 36 -9.75 1.26 22.11
CA ASN A 36 -9.64 0.33 23.22
C ASN A 36 -9.60 1.05 24.56
N LEU A 37 -10.41 0.58 25.51
CA LEU A 37 -10.48 1.16 26.84
C LEU A 37 -10.07 0.14 27.89
N THR A 38 -8.84 -0.35 27.78
CA THR A 38 -8.33 -1.35 28.72
C THR A 38 -6.97 -0.90 29.28
N PRO A 39 -6.52 -1.54 30.38
CA PRO A 39 -5.25 -1.21 31.00
C PRO A 39 -4.07 -1.36 30.04
N ARG A 53 -13.95 10.53 31.09
CA ARG A 53 -12.70 10.66 30.37
C ARG A 53 -12.85 11.57 29.15
N ALA A 54 -11.76 11.75 28.40
CA ALA A 54 -11.77 12.60 27.21
C ALA A 54 -12.12 11.79 25.96
N LEU A 55 -13.21 12.18 25.30
CA LEU A 55 -13.65 11.50 24.09
C LEU A 55 -13.00 12.13 22.85
N GLU A 56 -11.91 12.87 23.08
CA GLU A 56 -11.20 13.52 21.98
C GLU A 56 -10.90 12.53 20.86
N ARG A 57 -10.27 11.43 21.21
CA ARG A 57 -9.90 10.40 20.24
C ARG A 57 -11.09 10.00 19.37
N ALA A 58 -12.30 10.15 19.91
CA ALA A 58 -13.51 9.81 19.19
C ALA A 58 -13.72 10.77 18.02
N ARG A 59 -13.87 12.06 18.32
CA ARG A 59 -14.07 13.05 17.27
C ARG A 59 -12.86 13.13 16.36
N GLU A 60 -11.70 12.73 16.88
CA GLU A 60 -10.48 12.77 16.08
C GLU A 60 -10.54 11.67 15.02
N MET A 61 -10.96 10.47 15.41
CA MET A 61 -11.07 9.37 14.48
C MET A 61 -12.14 9.63 13.44
N VAL A 62 -13.25 10.24 13.83
CA VAL A 62 -14.30 10.54 12.88
C VAL A 62 -13.75 11.54 11.86
N ALA A 63 -13.00 12.51 12.33
CA ALA A 63 -12.40 13.52 11.47
C ALA A 63 -11.39 12.90 10.51
N GLU A 64 -10.76 11.81 10.95
CA GLU A 64 -9.77 11.11 10.13
C GLU A 64 -10.40 10.23 9.05
N GLY A 65 -11.70 9.98 9.16
CA GLY A 65 -12.36 9.16 8.16
C GLY A 65 -13.00 7.86 8.63
N ALA A 66 -13.09 7.65 9.94
CA ALA A 66 -13.71 6.43 10.45
C ALA A 66 -15.21 6.44 10.18
N ASP A 67 -15.72 5.33 9.67
CA ASP A 67 -17.14 5.20 9.36
C ASP A 67 -17.92 4.65 10.55
N ILE A 68 -17.23 3.86 11.37
CA ILE A 68 -17.82 3.26 12.56
C ILE A 68 -16.77 3.32 13.65
N LEU A 69 -17.21 3.50 14.90
CA LEU A 69 -16.31 3.56 16.04
C LEU A 69 -16.43 2.26 16.83
N ASP A 70 -15.32 1.53 16.93
CA ASP A 70 -15.29 0.25 17.63
C ASP A 70 -14.75 0.40 19.05
N LEU A 71 -15.60 0.19 20.05
CA LEU A 71 -15.20 0.29 21.45
C LEU A 71 -15.20 -1.06 22.17
N GLY A 72 -14.12 -1.33 22.90
CA GLY A 72 -14.01 -2.58 23.62
C GLY A 72 -13.12 -2.42 24.85
N ALA A 73 -13.56 -2.95 25.98
CA ALA A 73 -12.79 -2.83 27.22
C ALA A 73 -12.42 -4.19 27.80
N GLU A 74 -12.34 -5.20 26.94
CA GLU A 74 -11.99 -6.55 27.38
C GLU A 74 -10.57 -6.94 26.95
N SER A 75 -10.12 -8.10 27.40
CA SER A 75 -8.79 -8.61 27.06
C SER A 75 -8.79 -9.33 25.71
N LEU A 92 -16.57 0.92 30.33
CA LEU A 92 -17.08 1.05 28.96
C LEU A 92 -18.31 1.94 28.82
N LEU A 93 -19.40 1.56 29.51
CA LEU A 93 -20.66 2.29 29.44
C LEU A 93 -20.55 3.82 29.51
N PRO A 94 -19.87 4.36 30.53
CA PRO A 94 -19.75 5.82 30.62
C PRO A 94 -19.22 6.44 29.33
N VAL A 95 -18.16 5.85 28.78
CA VAL A 95 -17.55 6.34 27.55
C VAL A 95 -18.47 6.11 26.35
N LEU A 96 -19.09 4.93 26.31
CA LEU A 96 -19.99 4.58 25.22
C LEU A 96 -21.11 5.60 25.06
N GLU A 97 -21.67 6.05 26.17
CA GLU A 97 -22.76 7.02 26.13
C GLU A 97 -22.25 8.35 25.60
N ALA A 98 -21.03 8.71 25.96
CA ALA A 98 -20.43 9.97 25.52
C ALA A 98 -20.13 9.93 24.01
N VAL A 99 -19.46 8.88 23.57
CA VAL A 99 -19.10 8.73 22.16
C VAL A 99 -20.32 8.66 21.24
N LEU A 100 -21.38 8.00 21.70
CA LEU A 100 -22.60 7.86 20.90
C LEU A 100 -23.26 9.19 20.53
N SER A 101 -23.05 10.22 21.35
CA SER A 101 -23.64 11.52 21.10
C SER A 101 -23.09 12.18 19.83
N LEU A 102 -22.06 11.56 19.23
CA LEU A 102 -21.47 12.10 18.01
C LEU A 102 -22.31 11.78 16.77
N GLY A 103 -23.30 10.91 16.96
CA GLY A 103 -24.17 10.53 15.86
C GLY A 103 -23.57 9.50 14.91
N VAL A 104 -22.34 9.08 15.17
CA VAL A 104 -21.66 8.10 14.33
C VAL A 104 -21.93 6.67 14.85
N PRO A 105 -22.09 5.70 13.94
CA PRO A 105 -22.34 4.33 14.38
C PRO A 105 -21.23 3.82 15.30
N VAL A 106 -21.62 3.08 16.33
CA VAL A 106 -20.67 2.53 17.28
C VAL A 106 -20.80 1.03 17.41
N SER A 107 -19.68 0.33 17.31
CA SER A 107 -19.65 -1.11 17.44
C SER A 107 -19.09 -1.41 18.83
N VAL A 108 -19.63 -2.42 19.50
CA VAL A 108 -19.14 -2.77 20.83
C VAL A 108 -18.59 -4.20 20.84
N ASP A 109 -17.43 -4.37 21.48
CA ASP A 109 -16.71 -5.64 21.61
C ASP A 109 -16.81 -6.20 23.03
N THR A 110 -17.46 -7.34 23.25
CA THR A 110 -17.53 -7.98 24.56
C THR A 110 -17.87 -9.47 24.48
N ARG A 111 -17.39 -10.22 25.49
CA ARG A 111 -17.78 -11.63 25.62
C ARG A 111 -19.02 -11.79 26.51
N LYS A 112 -19.19 -10.78 27.39
CA LYS A 112 -20.22 -10.88 28.42
C LYS A 112 -21.53 -10.22 27.97
N PRO A 113 -22.58 -11.04 27.85
CA PRO A 113 -23.92 -10.62 27.43
C PRO A 113 -24.49 -9.51 28.30
N GLU A 114 -24.12 -9.51 29.58
CA GLU A 114 -24.60 -8.49 30.51
C GLU A 114 -24.15 -7.12 30.02
N VAL A 115 -22.92 -7.08 29.50
CA VAL A 115 -22.34 -5.84 28.99
C VAL A 115 -22.97 -5.46 27.66
N ALA A 116 -23.19 -6.46 26.81
CA ALA A 116 -23.78 -6.24 25.49
C ALA A 116 -25.17 -5.63 25.61
N GLU A 117 -26.00 -6.20 26.48
CA GLU A 117 -27.36 -5.70 26.68
C GLU A 117 -27.37 -4.23 27.04
N GLU A 118 -26.58 -3.86 28.04
CA GLU A 118 -26.51 -2.46 28.48
C GLU A 118 -25.96 -1.56 27.38
N ALA A 119 -25.11 -2.12 26.52
CA ALA A 119 -24.53 -1.35 25.42
C ALA A 119 -25.58 -1.13 24.35
N LEU A 120 -26.36 -2.18 24.07
CA LEU A 120 -27.39 -2.10 23.06
C LEU A 120 -28.51 -1.17 23.54
N LYS A 121 -28.82 -1.26 24.83
CA LYS A 121 -29.85 -0.42 25.39
C LYS A 121 -29.47 1.06 25.33
N LEU A 122 -28.16 1.34 25.32
CA LEU A 122 -27.69 2.72 25.25
C LEU A 122 -27.68 3.25 23.81
N GLY A 123 -27.68 2.34 22.83
CA GLY A 123 -27.68 2.78 21.45
C GLY A 123 -26.70 2.14 20.47
N ALA A 124 -25.79 1.30 20.97
CA ALA A 124 -24.81 0.64 20.10
C ALA A 124 -25.43 0.17 18.79
N HIS A 125 -24.69 0.32 17.69
CA HIS A 125 -25.21 -0.05 16.38
C HIS A 125 -24.76 -1.40 15.84
N LEU A 126 -23.69 -1.96 16.42
CA LEU A 126 -23.18 -3.24 15.93
C LEU A 126 -22.60 -4.05 17.07
N LEU A 127 -22.91 -5.35 17.08
CA LEU A 127 -22.41 -6.22 18.13
C LEU A 127 -21.30 -7.10 17.59
N ASN A 128 -20.13 -6.97 18.18
CA ASN A 128 -18.97 -7.74 17.77
C ASN A 128 -18.60 -8.75 18.83
N ASP A 129 -19.04 -9.99 18.61
CA ASP A 129 -18.80 -11.08 19.53
C ASP A 129 -17.53 -11.83 19.22
N VAL A 130 -16.56 -11.65 20.11
CA VAL A 130 -15.24 -12.26 19.94
C VAL A 130 -15.20 -13.69 20.50
N THR A 131 -16.27 -14.44 20.22
CA THR A 131 -16.33 -15.81 20.70
C THR A 131 -16.99 -16.74 19.66
N GLY A 132 -17.11 -16.21 18.44
CA GLY A 132 -17.75 -17.00 17.39
C GLY A 132 -19.28 -16.85 17.41
N LEU A 133 -19.84 -16.03 18.28
CA LEU A 133 -21.28 -15.95 18.44
C LEU A 133 -21.79 -17.32 18.89
N ARG A 134 -21.06 -17.93 19.82
CA ARG A 134 -21.41 -19.25 20.34
C ARG A 134 -22.51 -19.17 21.39
N ASP A 135 -22.52 -18.09 22.16
CA ASP A 135 -23.53 -17.88 23.21
C ASP A 135 -24.86 -17.44 22.60
N GLU A 136 -25.89 -18.31 22.76
CA GLU A 136 -27.20 -17.97 22.20
C GLU A 136 -27.80 -16.75 22.91
N ARG A 137 -27.19 -16.38 24.06
CA ARG A 137 -27.70 -15.24 24.81
C ARG A 137 -27.43 -13.91 24.09
N MET A 138 -26.32 -13.82 23.35
CA MET A 138 -26.08 -12.58 22.65
C MET A 138 -26.70 -12.61 21.26
N VAL A 139 -26.93 -13.84 20.75
CA VAL A 139 -27.71 -13.93 19.52
C VAL A 139 -29.11 -13.36 19.76
N ALA A 140 -29.63 -13.67 20.96
CA ALA A 140 -30.95 -13.20 21.35
C ALA A 140 -30.99 -11.68 21.51
N LEU A 141 -29.92 -11.10 22.07
CA LEU A 141 -29.84 -9.67 22.26
C LEU A 141 -29.81 -8.91 20.95
N ALA A 142 -29.11 -9.46 19.97
CA ALA A 142 -28.98 -8.86 18.66
C ALA A 142 -30.31 -8.82 17.92
N ALA A 143 -30.97 -9.97 17.86
CA ALA A 143 -32.26 -10.08 17.19
C ALA A 143 -33.34 -9.25 17.88
N ARG A 144 -33.17 -9.06 19.18
CA ARG A 144 -34.14 -8.31 19.99
C ARG A 144 -33.97 -6.79 19.85
N HIS A 145 -32.70 -6.36 19.78
CA HIS A 145 -32.42 -4.95 19.54
C HIS A 145 -32.36 -4.62 18.05
N GLY A 146 -32.52 -5.67 17.22
CA GLY A 146 -32.52 -5.47 15.77
C GLY A 146 -31.17 -4.94 15.29
N VAL A 147 -30.07 -5.49 15.79
CA VAL A 147 -28.75 -5.05 15.37
C VAL A 147 -27.97 -6.20 14.72
N ALA A 148 -27.09 -5.85 13.80
CA ALA A 148 -26.27 -6.85 13.12
C ALA A 148 -25.23 -7.35 14.12
N ALA A 149 -24.72 -8.55 13.87
CA ALA A 149 -23.72 -9.13 14.75
C ALA A 149 -22.55 -9.67 13.95
N VAL A 150 -21.35 -9.50 14.48
CA VAL A 150 -20.15 -9.99 13.82
C VAL A 150 -19.87 -11.40 14.31
N VAL A 151 -19.56 -12.30 13.38
CA VAL A 151 -19.23 -13.68 13.71
C VAL A 151 -17.75 -13.83 13.36
N MET A 152 -16.90 -13.87 14.39
CA MET A 152 -15.47 -14.02 14.17
C MET A 152 -15.04 -15.45 14.49
N HIS A 153 -14.18 -16.01 13.64
CA HIS A 153 -13.76 -17.40 13.86
C HIS A 153 -12.58 -17.50 14.84
N MET A 154 -12.68 -18.52 15.68
CA MET A 154 -11.65 -18.88 16.63
C MET A 154 -11.93 -20.35 16.93
N PRO A 155 -10.89 -21.18 16.97
CA PRO A 155 -11.06 -22.61 17.23
C PRO A 155 -11.84 -22.88 18.51
N VAL A 156 -11.53 -22.14 19.56
CA VAL A 156 -12.23 -22.28 20.83
C VAL A 156 -12.43 -20.88 21.41
N PRO A 157 -13.45 -20.71 22.26
CA PRO A 157 -13.79 -19.43 22.90
C PRO A 157 -12.67 -18.85 23.77
N ASP A 158 -12.07 -19.68 24.61
CA ASP A 158 -11.01 -19.21 25.50
C ASP A 158 -9.69 -18.94 24.78
N PRO A 159 -9.24 -17.67 24.79
CA PRO A 159 -8.00 -17.19 24.17
C PRO A 159 -6.75 -17.70 24.85
N ALA A 160 -6.91 -18.16 26.09
CA ALA A 160 -5.78 -18.68 26.85
C ALA A 160 -5.34 -20.04 26.31
N THR A 161 -6.27 -20.74 25.67
CA THR A 161 -5.95 -22.05 25.13
C THR A 161 -6.23 -22.19 23.63
N MET A 162 -6.65 -21.12 22.97
CA MET A 162 -6.94 -21.27 21.55
C MET A 162 -5.71 -21.60 20.70
N MET A 163 -4.52 -21.19 21.14
CA MET A 163 -3.33 -21.48 20.35
C MET A 163 -2.96 -22.96 20.42
N ALA A 164 -3.53 -23.63 21.46
CA ALA A 164 -3.39 -25.07 21.54
C ALA A 164 -4.36 -25.80 20.60
N HIS A 165 -5.27 -25.03 19.97
CA HIS A 165 -6.22 -25.61 19.02
C HIS A 165 -5.99 -25.07 17.59
N ALA A 166 -4.74 -24.89 17.19
CA ALA A 166 -4.43 -24.41 15.84
C ALA A 166 -3.89 -25.58 15.03
N ARG A 167 -4.74 -26.60 14.83
CA ARG A 167 -4.32 -27.80 14.11
C ARG A 167 -5.29 -28.23 13.02
N TYR A 168 -5.71 -27.27 12.21
CA TYR A 168 -6.69 -27.50 11.13
C TYR A 168 -6.14 -28.43 10.05
N ARG A 169 -7.01 -29.36 9.58
CA ARG A 169 -6.64 -30.16 8.43
C ARG A 169 -6.70 -29.32 7.14
N ASP A 170 -7.70 -28.43 7.16
CA ASP A 170 -7.88 -27.47 6.07
C ASP A 170 -8.53 -26.21 6.68
N VAL A 171 -7.69 -25.30 7.15
CA VAL A 171 -8.17 -24.10 7.80
C VAL A 171 -9.20 -23.28 7.02
N VAL A 172 -8.98 -23.10 5.72
CA VAL A 172 -9.92 -22.33 4.91
C VAL A 172 -11.29 -23.00 4.87
N ALA A 173 -11.31 -24.30 4.58
CA ALA A 173 -12.57 -25.04 4.54
C ALA A 173 -13.26 -25.00 5.90
N GLU A 174 -12.51 -25.27 6.96
CA GLU A 174 -13.09 -25.28 8.30
C GLU A 174 -13.58 -23.92 8.78
N VAL A 175 -12.84 -22.86 8.48
CA VAL A 175 -13.28 -21.53 8.89
C VAL A 175 -14.56 -21.19 8.11
N LYS A 176 -14.57 -21.47 6.81
CA LYS A 176 -15.75 -21.20 5.99
C LYS A 176 -16.97 -21.95 6.52
N ALA A 177 -16.79 -23.23 6.85
CA ALA A 177 -17.88 -24.04 7.38
C ALA A 177 -18.41 -23.46 8.69
N PHE A 178 -17.51 -23.04 9.57
CA PHE A 178 -17.90 -22.47 10.86
C PHE A 178 -18.66 -21.15 10.71
N LEU A 179 -18.10 -20.24 9.92
CA LEU A 179 -18.73 -18.94 9.72
C LEU A 179 -20.15 -19.10 9.16
N GLU A 180 -20.28 -19.92 8.13
CA GLU A 180 -21.55 -20.17 7.47
C GLU A 180 -22.58 -20.76 8.45
N ALA A 181 -22.14 -21.71 9.26
CA ALA A 181 -23.02 -22.35 10.25
C ALA A 181 -23.49 -21.35 11.29
N GLN A 182 -22.57 -20.59 11.86
CA GLN A 182 -22.92 -19.60 12.87
C GLN A 182 -23.81 -18.51 12.28
N ALA A 183 -23.60 -18.20 11.00
CA ALA A 183 -24.39 -17.17 10.33
C ALA A 183 -25.81 -17.69 10.06
N ARG A 184 -25.89 -18.94 9.62
CA ARG A 184 -27.17 -19.57 9.33
C ARG A 184 -28.01 -19.64 10.60
N ARG A 185 -27.35 -19.89 11.72
CA ARG A 185 -28.03 -19.98 13.01
C ARG A 185 -28.50 -18.63 13.52
N ALA A 186 -27.61 -17.64 13.46
CA ALA A 186 -27.93 -16.29 13.93
C ALA A 186 -29.11 -15.70 13.17
N LEU A 187 -29.11 -15.87 11.85
CA LEU A 187 -30.18 -15.34 11.00
C LEU A 187 -31.52 -15.99 11.29
N SER A 188 -31.53 -17.33 11.36
CA SER A 188 -32.75 -18.06 11.65
C SER A 188 -33.33 -17.62 12.98
N ALA A 189 -32.46 -17.13 13.86
CA ALA A 189 -32.87 -16.67 15.19
C ALA A 189 -33.41 -15.23 15.19
N GLY A 190 -33.39 -14.58 14.03
CA GLY A 190 -33.90 -13.23 13.96
C GLY A 190 -32.89 -12.12 13.78
N VAL A 191 -31.60 -12.45 13.87
CA VAL A 191 -30.56 -11.42 13.69
C VAL A 191 -30.74 -10.84 12.29
N PRO A 192 -30.91 -9.51 12.19
CA PRO A 192 -31.10 -8.86 10.88
C PRO A 192 -30.01 -9.07 9.83
N GLN A 193 -28.77 -9.13 10.28
CA GLN A 193 -27.64 -9.31 9.36
C GLN A 193 -26.41 -9.76 10.11
N VAL A 194 -25.58 -10.54 9.45
CA VAL A 194 -24.34 -11.02 10.07
C VAL A 194 -23.14 -10.61 9.22
N VAL A 195 -22.08 -10.22 9.90
CA VAL A 195 -20.83 -9.83 9.25
C VAL A 195 -19.85 -10.94 9.63
N LEU A 196 -19.11 -11.45 8.64
CA LEU A 196 -18.15 -12.53 8.92
C LEU A 196 -16.73 -12.00 9.02
N ASP A 197 -15.99 -12.50 10.01
CA ASP A 197 -14.59 -12.11 10.25
C ASP A 197 -13.79 -13.41 10.43
N PRO A 198 -12.76 -13.65 9.59
CA PRO A 198 -11.94 -14.87 9.67
C PRO A 198 -11.18 -15.00 10.98
N GLY A 199 -11.15 -13.93 11.76
CA GLY A 199 -10.46 -13.96 13.03
C GLY A 199 -8.96 -14.16 12.91
N PHE A 200 -8.29 -13.29 12.16
CA PHE A 200 -6.85 -13.44 12.00
C PHE A 200 -6.15 -13.35 13.34
N GLY A 201 -5.20 -14.25 13.57
CA GLY A 201 -4.46 -14.25 14.81
C GLY A 201 -5.18 -14.87 15.99
N PHE A 202 -6.34 -15.47 15.75
CA PHE A 202 -7.08 -16.14 16.83
C PHE A 202 -7.00 -17.65 16.63
N GLY A 203 -6.12 -18.30 17.40
CA GLY A 203 -5.95 -19.74 17.28
C GLY A 203 -5.44 -20.11 15.90
N LYS A 204 -4.54 -19.30 15.36
CA LYS A 204 -4.01 -19.54 14.03
C LYS A 204 -2.51 -19.30 13.92
N LEU A 205 -1.82 -20.23 13.27
CA LEU A 205 -0.38 -20.10 13.05
C LEU A 205 -0.20 -19.19 11.84
N LEU A 206 1.01 -18.73 11.60
CA LEU A 206 1.27 -17.88 10.44
C LEU A 206 0.80 -18.60 9.18
N GLU A 207 1.09 -19.89 9.08
CA GLU A 207 0.69 -20.66 7.92
C GLU A 207 -0.83 -20.60 7.67
N HIS A 208 -1.61 -20.56 8.75
CA HIS A 208 -3.06 -20.49 8.68
C HIS A 208 -3.52 -19.10 8.24
N ASN A 209 -2.92 -18.08 8.83
CA ASN A 209 -3.29 -16.71 8.50
C ASN A 209 -3.00 -16.43 7.03
N LEU A 210 -1.86 -16.91 6.55
CA LEU A 210 -1.47 -16.72 5.15
C LEU A 210 -2.46 -17.42 4.22
N ALA A 211 -2.83 -18.66 4.56
CA ALA A 211 -3.77 -19.42 3.74
C ALA A 211 -5.13 -18.71 3.65
N LEU A 212 -5.60 -18.18 4.77
CA LEU A 212 -6.89 -17.49 4.82
C LEU A 212 -6.85 -16.18 4.03
N LEU A 213 -5.74 -15.46 4.14
CA LEU A 213 -5.61 -14.19 3.43
C LEU A 213 -5.55 -14.44 1.93
N ARG A 214 -4.78 -15.45 1.52
CA ARG A 214 -4.64 -15.78 0.10
C ARG A 214 -5.93 -16.27 -0.57
N ARG A 215 -6.85 -16.83 0.22
CA ARG A 215 -8.11 -17.32 -0.32
C ARG A 215 -9.30 -16.56 0.27
N LEU A 216 -9.05 -15.33 0.70
CA LEU A 216 -10.07 -14.50 1.31
C LEU A 216 -11.30 -14.35 0.41
N ASP A 217 -11.08 -14.36 -0.91
CA ASP A 217 -12.18 -14.22 -1.85
C ASP A 217 -13.23 -15.31 -1.65
N GLU A 218 -12.80 -16.45 -1.12
CA GLU A 218 -13.71 -17.57 -0.88
C GLU A 218 -14.62 -17.31 0.31
N ILE A 219 -14.20 -16.44 1.22
CA ILE A 219 -15.02 -16.10 2.36
C ILE A 219 -15.99 -15.00 1.95
N VAL A 220 -15.52 -14.11 1.08
CA VAL A 220 -16.36 -13.03 0.58
C VAL A 220 -17.49 -13.65 -0.23
N ALA A 221 -17.19 -14.75 -0.90
CA ALA A 221 -18.18 -15.45 -1.74
C ALA A 221 -19.34 -16.06 -0.95
N LEU A 222 -19.25 -16.03 0.40
CA LEU A 222 -20.35 -16.56 1.19
C LEU A 222 -21.57 -15.65 1.19
N GLY A 223 -21.37 -14.42 0.65
CA GLY A 223 -22.50 -13.51 0.45
C GLY A 223 -22.70 -12.49 1.59
N HIS A 224 -22.00 -12.64 2.71
CA HIS A 224 -22.19 -11.72 3.82
C HIS A 224 -21.09 -10.66 3.79
N PRO A 225 -21.30 -9.52 4.45
CA PRO A 225 -20.25 -8.50 4.45
C PRO A 225 -19.09 -9.14 5.22
N VAL A 226 -17.86 -8.91 4.77
CA VAL A 226 -16.70 -9.49 5.45
C VAL A 226 -15.88 -8.38 6.11
N LEU A 227 -15.48 -8.63 7.34
CA LEU A 227 -14.67 -7.70 8.11
C LEU A 227 -13.32 -8.35 8.42
N VAL A 228 -12.22 -7.62 8.26
CA VAL A 228 -10.91 -8.17 8.61
C VAL A 228 -10.18 -7.15 9.46
N GLY A 229 -9.34 -7.64 10.36
CA GLY A 229 -8.58 -6.73 11.21
C GLY A 229 -7.19 -7.29 11.42
N LEU A 230 -6.23 -6.77 10.68
CA LEU A 230 -4.85 -7.24 10.81
C LEU A 230 -3.96 -6.16 11.40
N SER A 231 -4.55 -5.05 11.82
CA SER A 231 -3.77 -3.97 12.40
C SER A 231 -2.94 -4.43 13.58
N ARG A 232 -1.63 -4.19 13.47
CA ARG A 232 -0.66 -4.50 14.51
C ARG A 232 -0.53 -5.97 14.91
N LYS A 233 -1.16 -6.85 14.15
CA LYS A 233 -1.12 -8.27 14.46
C LYS A 233 0.26 -8.90 14.28
N ARG A 234 0.46 -10.05 14.91
CA ARG A 234 1.75 -10.76 14.80
C ARG A 234 2.08 -11.11 13.36
N THR A 235 1.07 -11.47 12.58
CA THR A 235 1.27 -11.82 11.18
C THR A 235 1.99 -10.69 10.46
N ILE A 236 1.55 -9.47 10.74
CA ILE A 236 2.17 -8.31 10.11
C ILE A 236 3.60 -8.16 10.59
N GLY A 237 3.81 -8.30 11.90
CA GLY A 237 5.15 -8.18 12.44
C GLY A 237 6.09 -9.19 11.80
N GLU A 238 5.62 -10.42 11.63
CA GLU A 238 6.42 -11.48 11.04
C GLU A 238 6.79 -11.23 9.58
N LEU A 239 5.80 -10.83 8.78
CA LEU A 239 6.05 -10.60 7.35
C LEU A 239 6.80 -9.31 7.05
N SER A 240 6.58 -8.27 7.85
CA SER A 240 7.23 -6.99 7.61
C SER A 240 8.53 -6.79 8.39
N GLY A 241 8.80 -7.70 9.32
CA GLY A 241 10.01 -7.59 10.12
C GLY A 241 9.97 -6.48 11.15
N VAL A 242 8.81 -6.18 11.70
CA VAL A 242 8.68 -5.12 12.69
C VAL A 242 8.26 -5.70 14.04
N GLU A 243 9.18 -5.65 15.01
CA GLU A 243 8.94 -6.20 16.34
C GLU A 243 7.98 -5.38 17.21
N ASP A 244 8.02 -4.06 17.08
CA ASP A 244 7.14 -3.20 17.87
C ASP A 244 5.75 -3.11 17.22
N PRO A 245 4.72 -3.62 17.92
CA PRO A 245 3.33 -3.61 17.44
C PRO A 245 2.83 -2.24 17.00
N ALA A 246 3.22 -1.21 17.73
CA ALA A 246 2.78 0.16 17.42
C ALA A 246 3.42 0.77 16.17
N GLN A 247 4.41 0.07 15.60
CA GLN A 247 5.10 0.57 14.40
C GLN A 247 4.84 -0.30 13.17
N ARG A 248 3.71 -0.97 13.13
CA ARG A 248 3.37 -1.87 12.02
C ARG A 248 2.37 -1.31 10.99
N VAL A 249 2.22 0.01 10.95
CA VAL A 249 1.25 0.60 10.04
C VAL A 249 1.44 0.24 8.56
N HIS A 250 2.67 0.29 8.06
CA HIS A 250 2.92 0.01 6.64
C HIS A 250 2.58 -1.43 6.23
N GLY A 251 2.93 -2.41 7.08
CA GLY A 251 2.58 -3.77 6.75
C GLY A 251 1.07 -3.98 6.88
N SER A 252 0.45 -3.30 7.84
CA SER A 252 -0.99 -3.44 8.05
C SER A 252 -1.76 -2.88 6.86
N VAL A 253 -1.33 -1.72 6.37
CA VAL A 253 -1.99 -1.11 5.22
C VAL A 253 -1.87 -2.04 4.03
N ALA A 254 -0.68 -2.61 3.83
CA ALA A 254 -0.47 -3.53 2.71
C ALA A 254 -1.39 -4.75 2.79
N ALA A 255 -1.49 -5.34 3.98
CA ALA A 255 -2.35 -6.52 4.17
C ALA A 255 -3.80 -6.16 3.93
N HIS A 256 -4.22 -5.00 4.42
CA HIS A 256 -5.59 -4.56 4.24
C HIS A 256 -5.91 -4.24 2.78
N LEU A 257 -4.96 -3.67 2.05
CA LEU A 257 -5.21 -3.39 0.63
C LEU A 257 -5.35 -4.72 -0.11
N PHE A 258 -4.60 -5.72 0.33
CA PHE A 258 -4.70 -7.04 -0.31
C PHE A 258 -6.10 -7.61 -0.06
N ALA A 259 -6.59 -7.44 1.17
CA ALA A 259 -7.94 -7.91 1.52
C ALA A 259 -8.99 -7.17 0.70
N VAL A 260 -8.78 -5.87 0.51
CA VAL A 260 -9.73 -5.07 -0.27
C VAL A 260 -9.75 -5.58 -1.71
N MET A 261 -8.58 -5.92 -2.22
CA MET A 261 -8.46 -6.45 -3.57
C MET A 261 -9.23 -7.78 -3.68
N LYS A 262 -9.25 -8.53 -2.58
CA LYS A 262 -9.96 -9.81 -2.53
C LYS A 262 -11.47 -9.63 -2.32
N GLY A 263 -11.91 -8.39 -2.12
CA GLY A 263 -13.32 -8.13 -1.95
C GLY A 263 -13.86 -7.63 -0.62
N VAL A 264 -12.98 -7.54 0.38
CA VAL A 264 -13.41 -7.06 1.69
C VAL A 264 -13.71 -5.57 1.63
N ARG A 265 -14.80 -5.16 2.27
CA ARG A 265 -15.20 -3.76 2.29
C ARG A 265 -15.32 -3.19 3.69
N LEU A 266 -14.89 -3.96 4.69
CA LEU A 266 -14.91 -3.51 6.10
C LEU A 266 -13.55 -3.83 6.72
N LEU A 267 -12.90 -2.81 7.28
CA LEU A 267 -11.60 -2.98 7.89
C LEU A 267 -11.57 -2.43 9.31
N ARG A 268 -11.07 -3.22 10.26
CA ARG A 268 -10.94 -2.80 11.65
C ARG A 268 -9.50 -2.29 11.74
N VAL A 269 -9.31 -0.99 11.97
CA VAL A 269 -7.97 -0.43 11.99
C VAL A 269 -7.66 0.51 13.15
N HIS A 270 -6.37 0.67 13.42
CA HIS A 270 -5.88 1.58 14.45
C HIS A 270 -5.55 2.95 13.85
N ASP A 271 -4.80 2.96 12.75
CA ASP A 271 -4.44 4.23 12.10
C ASP A 271 -5.46 4.52 11.02
N VAL A 272 -6.51 5.24 11.39
CA VAL A 272 -7.58 5.58 10.46
C VAL A 272 -7.08 6.42 9.29
N ARG A 273 -6.36 7.50 9.60
CA ARG A 273 -5.84 8.38 8.58
C ARG A 273 -4.97 7.67 7.54
N ALA A 274 -4.02 6.85 8.00
CA ALA A 274 -3.16 6.12 7.07
C ALA A 274 -3.96 5.29 6.07
N HIS A 275 -5.03 4.65 6.54
CA HIS A 275 -5.86 3.83 5.65
C HIS A 275 -6.71 4.69 4.70
N ARG A 276 -7.25 5.80 5.20
CA ARG A 276 -8.04 6.67 4.32
C ARG A 276 -7.15 7.19 3.19
N GLU A 277 -5.92 7.56 3.52
CA GLU A 277 -4.98 8.06 2.51
C GLU A 277 -4.64 6.98 1.48
N ALA A 278 -4.34 5.77 1.96
CA ALA A 278 -4.02 4.67 1.05
C ALA A 278 -5.22 4.29 0.18
N LEU A 279 -6.41 4.25 0.78
CA LEU A 279 -7.61 3.90 0.04
C LEU A 279 -7.97 4.97 -0.99
N GLY A 280 -7.66 6.23 -0.69
CA GLY A 280 -7.96 7.29 -1.64
C GLY A 280 -7.30 6.98 -2.98
N VAL A 281 -6.08 6.46 -2.90
CA VAL A 281 -5.33 6.11 -4.09
C VAL A 281 -5.81 4.77 -4.65
N TRP A 282 -5.87 3.75 -3.78
CA TRP A 282 -6.26 2.42 -4.21
C TRP A 282 -7.63 2.34 -4.90
N GLU A 283 -8.65 2.92 -4.28
CA GLU A 283 -9.98 2.86 -4.86
C GLU A 283 -10.14 3.70 -6.13
N ALA A 284 -9.29 4.70 -6.31
CA ALA A 284 -9.36 5.52 -7.53
C ALA A 284 -8.74 4.72 -8.67
N LEU A 285 -7.70 3.94 -8.35
CA LEU A 285 -6.99 3.12 -9.33
C LEU A 285 -7.72 1.83 -9.63
N TYR A 286 -7.86 1.00 -8.60
CA TYR A 286 -8.53 -0.29 -8.71
C TYR A 286 -10.03 -0.06 -8.71
N GLY A 287 -10.50 0.69 -9.70
CA GLY A 287 -11.93 0.98 -9.79
C GLY A 287 -12.19 2.42 -10.21
N ARG B 15 13.69 -12.91 -15.10
CA ARG B 15 13.99 -11.54 -15.59
C ARG B 15 15.04 -10.91 -14.66
N THR B 16 15.99 -10.18 -15.25
CA THR B 16 17.04 -9.54 -14.47
C THR B 16 17.35 -8.15 -14.99
N LEU B 17 18.05 -7.37 -14.16
CA LEU B 17 18.44 -6.03 -14.54
C LEU B 17 19.96 -5.95 -14.55
N TRP B 18 20.53 -5.58 -15.69
CA TRP B 18 21.98 -5.48 -15.81
C TRP B 18 22.47 -4.20 -15.13
N LEU B 19 23.43 -4.34 -14.23
CA LEU B 19 24.00 -3.20 -13.52
C LEU B 19 25.50 -3.05 -13.78
N ARG B 20 25.84 -2.82 -15.04
CA ARG B 20 27.21 -2.62 -15.51
C ARG B 20 28.18 -3.80 -15.34
N ASP B 21 28.26 -4.34 -14.13
CA ASP B 21 29.17 -5.46 -13.87
C ASP B 21 28.53 -6.54 -13.00
N ARG B 22 27.23 -6.44 -12.79
CA ARG B 22 26.51 -7.42 -11.99
C ARG B 22 25.05 -7.44 -12.45
N ALA B 23 24.36 -8.54 -12.18
CA ALA B 23 22.97 -8.69 -12.58
C ALA B 23 22.08 -8.78 -11.34
N LEU B 24 21.02 -7.99 -11.33
CA LEU B 24 20.07 -7.99 -10.22
C LEU B 24 18.82 -8.74 -10.66
N ASP B 25 18.47 -9.80 -9.94
CA ASP B 25 17.29 -10.58 -10.28
C ASP B 25 16.01 -9.83 -9.94
N LEU B 26 15.06 -9.86 -10.89
CA LEU B 26 13.79 -9.16 -10.67
C LEU B 26 12.67 -10.13 -10.25
N ASP B 27 13.10 -11.25 -9.65
CA ASP B 27 12.11 -12.19 -9.11
C ASP B 27 11.41 -11.65 -7.86
N ARG B 28 11.94 -10.50 -7.36
CA ARG B 28 11.23 -9.76 -6.33
C ARG B 28 11.44 -8.26 -6.53
N VAL B 29 10.49 -7.45 -6.00
CA VAL B 29 10.57 -6.02 -6.24
C VAL B 29 11.86 -5.41 -5.67
N ARG B 30 12.52 -4.63 -6.51
CA ARG B 30 13.76 -3.96 -6.14
C ARG B 30 13.52 -2.47 -5.95
N LEU B 31 14.15 -1.89 -4.95
CA LEU B 31 13.98 -0.47 -4.62
C LEU B 31 15.16 0.42 -4.95
N LEU B 32 14.87 1.56 -5.58
CA LEU B 32 15.90 2.54 -5.89
C LEU B 32 15.69 3.66 -4.88
N GLY B 33 16.61 3.80 -3.94
CA GLY B 33 16.50 4.83 -2.93
C GLY B 33 16.95 6.17 -3.47
N VAL B 34 16.04 7.14 -3.47
CA VAL B 34 16.32 8.47 -3.97
C VAL B 34 17.17 9.31 -3.05
N LEU B 35 18.25 9.88 -3.60
CA LEU B 35 19.22 10.70 -2.91
C LEU B 35 19.44 11.93 -3.75
N ASN B 36 18.59 12.88 -3.45
CA ASN B 36 18.50 14.14 -4.12
C ASN B 36 19.72 14.97 -3.79
N LEU B 37 20.38 15.55 -4.81
CA LEU B 37 21.55 16.33 -4.47
C LEU B 37 21.37 17.82 -4.72
N THR B 38 20.11 18.21 -4.68
CA THR B 38 19.71 19.58 -4.92
C THR B 38 19.29 20.30 -3.63
N PRO B 39 19.18 21.64 -3.76
CA PRO B 39 18.82 22.57 -2.67
C PRO B 39 17.52 22.26 -1.91
N ASP B 40 16.37 22.60 -2.51
CA ASP B 40 15.11 22.60 -1.76
C ASP B 40 14.16 21.50 -2.26
N SER B 41 13.38 20.97 -1.29
CA SER B 41 12.30 20.05 -1.65
C SER B 41 11.23 20.03 -0.56
N ALA B 54 25.26 12.97 2.53
CA ALA B 54 24.93 12.05 1.44
C ALA B 54 25.25 10.60 1.83
N LEU B 55 26.53 10.41 2.20
CA LEU B 55 27.02 9.10 2.62
C LEU B 55 26.21 8.56 3.81
N GLU B 56 25.93 9.46 4.77
CA GLU B 56 25.19 9.06 5.96
C GLU B 56 23.80 8.56 5.61
N ARG B 57 23.09 9.35 4.78
CA ARG B 57 21.75 8.96 4.37
C ARG B 57 21.79 7.76 3.41
N ALA B 58 22.82 7.74 2.56
CA ALA B 58 22.98 6.62 1.64
C ALA B 58 23.15 5.31 2.42
N ARG B 59 23.98 5.37 3.48
CA ARG B 59 24.19 4.22 4.34
C ARG B 59 22.90 3.78 5.02
N GLU B 60 22.06 4.76 5.34
CA GLU B 60 20.80 4.51 6.01
C GLU B 60 19.83 3.79 5.07
N MET B 61 19.75 4.26 3.83
CA MET B 61 18.86 3.65 2.84
C MET B 61 19.29 2.23 2.54
N VAL B 62 20.60 2.01 2.50
CA VAL B 62 21.13 0.69 2.24
C VAL B 62 20.68 -0.20 3.38
N ALA B 63 20.80 0.33 4.59
CA ALA B 63 20.40 -0.39 5.79
C ALA B 63 18.90 -0.67 5.79
N GLU B 64 18.12 0.23 5.20
CA GLU B 64 16.67 0.07 5.14
C GLU B 64 16.21 -0.92 4.09
N GLY B 65 17.12 -1.30 3.19
CA GLY B 65 16.75 -2.27 2.16
C GLY B 65 16.83 -1.79 0.73
N ALA B 66 17.45 -0.64 0.48
CA ALA B 66 17.56 -0.14 -0.88
C ALA B 66 18.48 -1.06 -1.68
N ASP B 67 18.08 -1.41 -2.90
CA ASP B 67 18.86 -2.28 -3.76
C ASP B 67 19.78 -1.46 -4.66
N ILE B 68 19.33 -0.25 -4.94
CA ILE B 68 20.06 0.68 -5.80
C ILE B 68 19.92 2.08 -5.22
N LEU B 69 20.97 2.89 -5.34
CA LEU B 69 20.92 4.26 -4.85
C LEU B 69 20.86 5.17 -6.07
N ASP B 70 19.80 5.98 -6.13
CA ASP B 70 19.62 6.88 -7.26
C ASP B 70 19.98 8.32 -6.89
N LEU B 71 21.12 8.77 -7.38
CA LEU B 71 21.61 10.11 -7.10
C LEU B 71 21.33 11.10 -8.23
N GLY B 72 20.75 12.24 -7.88
CA GLY B 72 20.45 13.27 -8.86
C GLY B 72 20.93 14.62 -8.37
N ALA B 73 21.54 15.40 -9.24
CA ALA B 73 22.05 16.72 -8.86
C ALA B 73 21.28 17.87 -9.51
N GLU B 74 20.42 17.54 -10.47
CA GLU B 74 19.62 18.56 -11.15
C GLU B 74 18.14 18.24 -11.02
N SER B 75 17.40 19.22 -10.47
CA SER B 75 15.96 19.04 -10.27
C SER B 75 15.18 18.98 -11.58
N THR B 76 14.34 17.92 -11.69
CA THR B 76 13.47 17.79 -12.85
C THR B 76 12.02 18.13 -12.50
N ARG B 77 11.85 18.71 -11.29
CA ARG B 77 10.52 19.12 -10.83
C ARG B 77 9.84 20.03 -11.87
N PRO B 78 8.51 19.91 -11.94
CA PRO B 78 7.75 20.71 -12.90
C PRO B 78 7.74 22.20 -12.55
N PRO B 82 12.36 24.10 -12.24
CA PRO B 82 13.07 23.69 -13.45
C PRO B 82 14.38 24.45 -13.72
N VAL B 83 15.22 24.56 -12.69
CA VAL B 83 16.50 25.26 -12.78
C VAL B 83 17.61 24.47 -13.50
N PRO B 84 17.99 24.92 -14.72
CA PRO B 84 19.15 24.34 -15.41
C PRO B 84 20.49 24.68 -14.73
N VAL B 85 21.31 23.63 -14.57
CA VAL B 85 22.61 23.76 -13.90
C VAL B 85 23.73 23.15 -14.75
N GLU B 86 24.55 24.05 -15.35
CA GLU B 86 25.46 23.60 -16.40
C GLU B 86 26.66 22.81 -15.88
N GLU B 87 27.23 23.27 -14.76
CA GLU B 87 28.35 22.53 -14.19
C GLU B 87 27.96 21.91 -12.86
N GLU B 88 27.10 20.87 -12.94
CA GLU B 88 26.65 20.20 -11.73
C GLU B 88 27.65 19.13 -11.29
N LYS B 89 28.82 19.10 -11.91
CA LYS B 89 29.84 18.11 -11.61
C LYS B 89 30.30 18.17 -10.16
N ARG B 90 30.48 19.39 -9.64
CA ARG B 90 30.92 19.50 -8.26
C ARG B 90 29.83 19.13 -7.25
N ARG B 91 28.57 19.16 -7.74
CA ARG B 91 27.44 18.77 -6.90
C ARG B 91 27.38 17.25 -6.72
N LEU B 92 27.50 16.54 -7.85
CA LEU B 92 27.25 15.10 -7.87
C LEU B 92 28.52 14.27 -7.65
N LEU B 93 29.50 14.49 -8.53
CA LEU B 93 30.64 13.58 -8.59
C LEU B 93 31.26 13.28 -7.21
N PRO B 94 31.41 14.32 -6.38
CA PRO B 94 32.00 14.15 -5.05
C PRO B 94 31.21 13.16 -4.19
N VAL B 95 29.89 13.42 -4.08
CA VAL B 95 29.03 12.48 -3.35
C VAL B 95 29.02 11.10 -4.01
N LEU B 96 28.93 11.09 -5.33
CA LEU B 96 28.90 9.85 -6.08
C LEU B 96 30.08 8.95 -5.71
N GLU B 97 31.29 9.49 -5.87
CA GLU B 97 32.50 8.73 -5.57
C GLU B 97 32.41 8.15 -4.15
N ALA B 98 31.94 8.97 -3.22
CA ALA B 98 31.80 8.54 -1.84
C ALA B 98 30.75 7.43 -1.71
N VAL B 99 29.57 7.67 -2.27
CA VAL B 99 28.50 6.69 -2.21
C VAL B 99 28.87 5.37 -2.87
N LEU B 100 29.62 5.43 -3.97
CA LEU B 100 30.03 4.22 -4.67
C LEU B 100 30.92 3.33 -3.80
N SER B 101 31.50 3.91 -2.75
CA SER B 101 32.38 3.16 -1.85
C SER B 101 31.58 2.24 -0.94
N LEU B 102 30.25 2.37 -0.97
CA LEU B 102 29.39 1.54 -0.14
C LEU B 102 29.23 0.15 -0.73
N GLY B 103 29.57 0.00 -2.01
CA GLY B 103 29.46 -1.29 -2.66
C GLY B 103 28.09 -1.58 -3.23
N VAL B 104 27.19 -0.60 -3.16
CA VAL B 104 25.84 -0.76 -3.68
C VAL B 104 25.71 -0.12 -5.06
N PRO B 105 24.94 -0.75 -5.96
CA PRO B 105 24.76 -0.20 -7.31
C PRO B 105 24.23 1.23 -7.24
N VAL B 106 24.76 2.10 -8.09
CA VAL B 106 24.33 3.49 -8.10
C VAL B 106 23.80 3.92 -9.47
N SER B 107 22.61 4.52 -9.44
CA SER B 107 21.97 5.01 -10.65
C SER B 107 22.23 6.51 -10.72
N VAL B 108 22.63 7.00 -11.88
CA VAL B 108 22.90 8.43 -12.04
C VAL B 108 21.78 9.10 -12.83
N ASP B 109 21.15 10.07 -12.19
CA ASP B 109 20.05 10.80 -12.82
C ASP B 109 20.53 12.11 -13.42
N THR B 110 20.79 12.11 -14.73
CA THR B 110 21.24 13.32 -15.43
C THR B 110 20.83 13.30 -16.89
N ARG B 111 20.63 14.50 -17.45
CA ARG B 111 20.27 14.58 -18.85
C ARG B 111 21.43 15.14 -19.70
N LYS B 112 22.59 15.35 -19.03
CA LYS B 112 23.76 15.89 -19.71
C LYS B 112 24.83 14.80 -19.94
N PRO B 113 25.17 14.55 -21.21
CA PRO B 113 26.18 13.55 -21.59
C PRO B 113 27.49 13.86 -20.86
N GLU B 114 27.74 15.16 -20.74
CA GLU B 114 28.91 15.68 -20.08
C GLU B 114 29.03 15.09 -18.67
N VAL B 115 27.93 15.17 -17.91
CA VAL B 115 27.88 14.67 -16.55
C VAL B 115 27.93 13.14 -16.49
N ALA B 116 27.14 12.51 -17.35
CA ALA B 116 27.07 11.05 -17.40
C ALA B 116 28.44 10.41 -17.58
N GLU B 117 29.21 10.91 -18.54
CA GLU B 117 30.53 10.36 -18.82
C GLU B 117 31.40 10.29 -17.58
N GLU B 118 31.47 11.40 -16.83
CA GLU B 118 32.26 11.44 -15.61
C GLU B 118 31.66 10.50 -14.56
N ALA B 119 30.33 10.40 -14.55
CA ALA B 119 29.64 9.53 -13.61
C ALA B 119 29.95 8.08 -13.93
N LEU B 120 29.89 7.73 -15.21
CA LEU B 120 30.16 6.36 -15.66
C LEU B 120 31.62 5.98 -15.46
N LYS B 121 32.51 6.96 -15.59
CA LYS B 121 33.94 6.68 -15.43
C LYS B 121 34.31 6.42 -13.97
N LEU B 122 33.54 6.98 -13.05
CA LEU B 122 33.79 6.78 -11.64
C LEU B 122 33.22 5.45 -11.16
N GLY B 123 32.26 4.90 -11.90
CA GLY B 123 31.69 3.62 -11.52
C GLY B 123 30.18 3.43 -11.58
N ALA B 124 29.44 4.47 -11.96
CA ALA B 124 27.97 4.37 -12.06
C ALA B 124 27.51 3.06 -12.71
N HIS B 125 26.42 2.48 -12.22
CA HIS B 125 25.91 1.23 -12.75
C HIS B 125 24.68 1.36 -13.64
N LEU B 126 24.00 2.51 -13.56
CA LEU B 126 22.80 2.72 -14.35
C LEU B 126 22.64 4.19 -14.69
N LEU B 127 22.18 4.47 -15.90
CA LEU B 127 21.99 5.84 -16.34
C LEU B 127 20.49 6.15 -16.46
N ASN B 128 20.03 7.11 -15.65
CA ASN B 128 18.63 7.50 -15.64
C ASN B 128 18.49 8.85 -16.33
N ASP B 129 17.97 8.82 -17.55
CA ASP B 129 17.81 10.03 -18.35
C ASP B 129 16.35 10.45 -18.50
N VAL B 130 16.00 11.57 -17.88
CA VAL B 130 14.63 12.09 -17.94
C VAL B 130 14.20 12.53 -19.33
N THR B 131 15.16 12.89 -20.18
CA THR B 131 14.84 13.32 -21.53
C THR B 131 14.61 12.15 -22.50
N GLY B 132 14.51 10.95 -21.93
CA GLY B 132 14.25 9.76 -22.71
C GLY B 132 15.23 9.36 -23.81
N LEU B 133 16.52 9.48 -23.53
CA LEU B 133 17.57 9.13 -24.49
C LEU B 133 17.32 9.77 -25.86
N ARG B 134 16.79 11.00 -25.85
CA ARG B 134 16.61 11.71 -27.12
C ARG B 134 17.98 12.16 -27.68
N ASP B 135 18.96 12.25 -26.76
CA ASP B 135 20.29 12.71 -27.12
C ASP B 135 21.21 11.54 -27.50
N GLU B 136 21.62 11.50 -28.78
CA GLU B 136 22.49 10.43 -29.27
C GLU B 136 23.75 10.28 -28.43
N ARG B 137 24.25 11.38 -27.90
CA ARG B 137 25.46 11.36 -27.08
C ARG B 137 25.26 10.49 -25.85
N MET B 138 24.05 10.52 -25.30
CA MET B 138 23.73 9.73 -24.12
C MET B 138 23.67 8.26 -24.50
N VAL B 139 23.05 7.97 -25.63
CA VAL B 139 22.95 6.60 -26.11
C VAL B 139 24.35 6.04 -26.36
N ALA B 140 25.16 6.80 -27.10
CA ALA B 140 26.52 6.39 -27.42
C ALA B 140 27.32 6.05 -26.17
N LEU B 141 27.27 6.92 -25.17
CA LEU B 141 27.98 6.72 -23.91
C LEU B 141 27.55 5.45 -23.19
N ALA B 142 26.25 5.26 -23.06
CA ALA B 142 25.71 4.09 -22.39
C ALA B 142 26.25 2.84 -23.06
N ALA B 143 26.14 2.80 -24.38
CA ALA B 143 26.60 1.67 -25.17
C ALA B 143 28.10 1.45 -24.98
N ARG B 144 28.86 2.54 -24.98
CA ARG B 144 30.31 2.47 -24.83
C ARG B 144 30.74 1.88 -23.49
N HIS B 145 30.06 2.29 -22.42
CA HIS B 145 30.41 1.80 -21.09
C HIS B 145 29.70 0.51 -20.68
N GLY B 146 28.83 0.02 -21.56
CA GLY B 146 28.11 -1.21 -21.26
C GLY B 146 27.22 -1.05 -20.05
N VAL B 147 26.43 0.03 -20.04
CA VAL B 147 25.53 0.30 -18.93
C VAL B 147 24.10 0.40 -19.44
N ALA B 148 23.16 -0.13 -18.66
CA ALA B 148 21.75 -0.08 -19.03
C ALA B 148 21.29 1.37 -18.91
N ALA B 149 20.22 1.71 -19.61
CA ALA B 149 19.71 3.06 -19.58
C ALA B 149 18.20 3.08 -19.37
N VAL B 150 17.75 4.01 -18.54
CA VAL B 150 16.32 4.14 -18.28
C VAL B 150 15.75 5.15 -19.26
N VAL B 151 14.71 4.75 -19.97
CA VAL B 151 14.05 5.64 -20.92
C VAL B 151 12.76 6.09 -20.26
N MET B 152 12.70 7.37 -19.89
CA MET B 152 11.50 7.89 -19.26
C MET B 152 10.74 8.76 -20.25
N HIS B 153 9.41 8.73 -20.16
CA HIS B 153 8.64 9.56 -21.07
C HIS B 153 8.39 10.93 -20.47
N MET B 154 8.48 11.92 -21.35
CA MET B 154 8.30 13.33 -21.03
C MET B 154 7.86 13.89 -22.38
N PRO B 155 6.67 14.52 -22.45
CA PRO B 155 6.20 15.06 -23.74
C PRO B 155 7.23 15.93 -24.45
N VAL B 156 8.04 16.63 -23.67
CA VAL B 156 9.08 17.51 -24.22
C VAL B 156 10.32 17.46 -23.32
N PRO B 157 11.52 17.54 -23.90
CA PRO B 157 12.82 17.51 -23.20
C PRO B 157 13.06 18.57 -22.12
N ASP B 158 12.09 19.45 -21.89
CA ASP B 158 12.28 20.50 -20.90
C ASP B 158 11.26 20.44 -19.75
N PRO B 159 11.75 20.26 -18.50
CA PRO B 159 10.90 20.18 -17.30
C PRO B 159 10.20 21.50 -16.96
N ALA B 160 10.71 22.60 -17.46
CA ALA B 160 10.15 23.92 -17.19
C ALA B 160 8.86 24.16 -17.98
N THR B 161 8.73 23.50 -19.12
CA THR B 161 7.55 23.67 -19.96
C THR B 161 6.81 22.36 -20.20
N MET B 162 7.26 21.28 -19.57
CA MET B 162 6.61 20.00 -19.75
C MET B 162 5.14 20.05 -19.35
N MET B 163 4.84 20.62 -18.20
CA MET B 163 3.46 20.71 -17.74
C MET B 163 2.62 21.55 -18.70
N ALA B 164 3.32 22.42 -19.45
CA ALA B 164 2.63 23.26 -20.43
C ALA B 164 2.16 22.43 -21.63
N HIS B 165 2.73 21.20 -21.74
CA HIS B 165 2.33 20.29 -22.80
C HIS B 165 1.70 19.02 -22.24
N ALA B 166 0.88 19.17 -21.20
CA ALA B 166 0.21 18.04 -20.58
C ALA B 166 -1.13 17.78 -21.28
N ARG B 167 -1.05 17.38 -22.54
CA ARG B 167 -2.24 17.08 -23.34
C ARG B 167 -1.93 16.00 -24.34
N TYR B 168 -2.75 14.96 -24.36
CA TYR B 168 -2.55 13.84 -25.27
C TYR B 168 -3.84 13.36 -25.90
N ARG B 169 -3.76 12.95 -27.15
CA ARG B 169 -4.90 12.42 -27.87
C ARG B 169 -5.28 11.11 -27.15
N ASP B 170 -4.27 10.29 -26.87
CA ASP B 170 -4.42 9.01 -26.17
C ASP B 170 -3.09 8.80 -25.44
N VAL B 171 -2.98 9.31 -24.21
CA VAL B 171 -1.74 9.22 -23.47
C VAL B 171 -1.07 7.84 -23.36
N VAL B 172 -1.86 6.80 -23.11
CA VAL B 172 -1.28 5.47 -22.98
C VAL B 172 -0.64 5.02 -24.29
N ALA B 173 -1.39 5.15 -25.38
CA ALA B 173 -0.91 4.76 -26.69
C ALA B 173 0.35 5.55 -27.06
N GLU B 174 0.31 6.85 -26.81
CA GLU B 174 1.45 7.71 -27.13
C GLU B 174 2.68 7.44 -26.28
N VAL B 175 2.49 7.21 -24.98
CA VAL B 175 3.63 6.94 -24.11
C VAL B 175 4.23 5.59 -24.48
N LYS B 176 3.37 4.62 -24.76
CA LYS B 176 3.84 3.28 -25.13
C LYS B 176 4.70 3.37 -26.38
N ALA B 177 4.17 4.01 -27.43
CA ALA B 177 4.89 4.15 -28.70
C ALA B 177 6.25 4.82 -28.51
N PHE B 178 6.29 5.87 -27.71
CA PHE B 178 7.53 6.59 -27.45
C PHE B 178 8.57 5.73 -26.74
N LEU B 179 8.14 5.06 -25.67
CA LEU B 179 9.05 4.21 -24.90
C LEU B 179 9.65 3.11 -25.75
N GLU B 180 8.80 2.45 -26.54
CA GLU B 180 9.24 1.35 -27.39
C GLU B 180 10.20 1.84 -28.47
N ALA B 181 9.86 2.96 -29.10
CA ALA B 181 10.71 3.52 -30.16
C ALA B 181 12.08 3.94 -29.63
N GLN B 182 12.11 4.56 -28.46
CA GLN B 182 13.38 4.99 -27.87
C GLN B 182 14.20 3.80 -27.44
N ALA B 183 13.53 2.79 -26.87
CA ALA B 183 14.21 1.58 -26.43
C ALA B 183 14.86 0.89 -27.63
N ARG B 184 14.10 0.79 -28.72
CA ARG B 184 14.60 0.15 -29.95
C ARG B 184 15.84 0.90 -30.46
N ARG B 185 15.74 2.22 -30.50
CA ARG B 185 16.83 3.08 -30.95
C ARG B 185 18.09 2.86 -30.13
N ALA B 186 17.93 2.77 -28.80
CA ALA B 186 19.04 2.56 -27.90
C ALA B 186 19.68 1.18 -28.04
N LEU B 187 18.84 0.14 -28.10
CA LEU B 187 19.34 -1.22 -28.22
C LEU B 187 20.12 -1.45 -29.51
N SER B 188 19.55 -1.03 -30.63
CA SER B 188 20.22 -1.20 -31.92
C SER B 188 21.55 -0.43 -31.96
N ALA B 189 21.73 0.48 -31.01
CA ALA B 189 22.95 1.28 -30.93
C ALA B 189 23.99 0.61 -30.02
N GLY B 190 23.59 -0.46 -29.35
CA GLY B 190 24.53 -1.14 -28.48
C GLY B 190 24.28 -1.05 -26.99
N VAL B 191 23.26 -0.30 -26.58
CA VAL B 191 22.96 -0.20 -25.16
C VAL B 191 22.53 -1.63 -24.78
N PRO B 192 23.21 -2.23 -23.80
CA PRO B 192 22.92 -3.59 -23.34
C PRO B 192 21.47 -3.89 -22.97
N GLN B 193 20.85 -2.96 -22.27
CA GLN B 193 19.47 -3.14 -21.86
C GLN B 193 18.82 -1.79 -21.58
N VAL B 194 17.49 -1.75 -21.72
CA VAL B 194 16.76 -0.52 -21.47
C VAL B 194 15.64 -0.76 -20.46
N VAL B 195 15.48 0.18 -19.54
CA VAL B 195 14.44 0.13 -18.53
C VAL B 195 13.43 1.20 -18.92
N LEU B 196 12.15 0.86 -18.96
CA LEU B 196 11.11 1.81 -19.33
C LEU B 196 10.45 2.44 -18.11
N ASP B 197 10.24 3.76 -18.16
CA ASP B 197 9.59 4.48 -17.07
C ASP B 197 8.57 5.44 -17.68
N PRO B 198 7.28 5.24 -17.37
CA PRO B 198 6.16 6.05 -17.86
C PRO B 198 6.29 7.53 -17.53
N GLY B 199 7.10 7.85 -16.53
CA GLY B 199 7.29 9.24 -16.16
C GLY B 199 6.06 9.90 -15.58
N PHE B 200 5.51 9.30 -14.52
CA PHE B 200 4.33 9.85 -13.89
C PHE B 200 4.59 11.28 -13.42
N GLY B 201 3.65 12.17 -13.69
CA GLY B 201 3.80 13.55 -13.29
C GLY B 201 4.56 14.42 -14.27
N PHE B 202 5.27 13.80 -15.21
CA PHE B 202 6.04 14.56 -16.19
C PHE B 202 5.20 14.94 -17.41
N GLY B 203 4.66 16.16 -17.38
CA GLY B 203 3.82 16.61 -18.49
C GLY B 203 2.56 15.78 -18.51
N LYS B 204 2.05 15.44 -17.33
CA LYS B 204 0.85 14.63 -17.21
C LYS B 204 -0.02 15.08 -16.05
N LEU B 205 -1.32 15.22 -16.31
CA LEU B 205 -2.28 15.62 -15.30
C LEU B 205 -2.80 14.37 -14.61
N LEU B 206 -3.55 14.54 -13.54
CA LEU B 206 -4.11 13.42 -12.79
C LEU B 206 -4.73 12.36 -13.72
N GLU B 207 -5.58 12.81 -14.64
CA GLU B 207 -6.25 11.90 -15.57
C GLU B 207 -5.26 11.06 -16.38
N HIS B 208 -4.15 11.65 -16.80
CA HIS B 208 -3.16 10.92 -17.58
C HIS B 208 -2.41 9.91 -16.71
N ASN B 209 -2.09 10.28 -15.48
CA ASN B 209 -1.39 9.36 -14.58
C ASN B 209 -2.29 8.18 -14.23
N LEU B 210 -3.58 8.44 -14.00
CA LEU B 210 -4.52 7.38 -13.68
C LEU B 210 -4.63 6.39 -14.83
N ALA B 211 -4.75 6.94 -16.05
CA ALA B 211 -4.86 6.11 -17.24
C ALA B 211 -3.63 5.20 -17.40
N LEU B 212 -2.44 5.78 -17.26
CA LEU B 212 -1.20 5.00 -17.37
C LEU B 212 -1.10 3.94 -16.29
N LEU B 213 -1.48 4.28 -15.07
CA LEU B 213 -1.43 3.32 -13.95
C LEU B 213 -2.36 2.14 -14.21
N ARG B 214 -3.59 2.43 -14.59
CA ARG B 214 -4.60 1.40 -14.84
C ARG B 214 -4.24 0.45 -15.98
N ARG B 215 -3.43 0.93 -16.92
CA ARG B 215 -3.02 0.10 -18.05
C ARG B 215 -1.51 -0.14 -18.06
N LEU B 216 -0.90 -0.04 -16.89
CA LEU B 216 0.54 -0.23 -16.75
C LEU B 216 1.00 -1.61 -17.24
N ASP B 217 0.13 -2.61 -17.12
CA ASP B 217 0.46 -3.97 -17.56
C ASP B 217 0.83 -3.97 -19.05
N GLU B 218 0.27 -3.05 -19.80
CA GLU B 218 0.55 -2.97 -21.23
C GLU B 218 1.97 -2.49 -21.52
N ILE B 219 2.53 -1.75 -20.57
CA ILE B 219 3.91 -1.27 -20.73
C ILE B 219 4.84 -2.39 -20.27
N VAL B 220 4.40 -3.13 -19.25
CA VAL B 220 5.18 -4.26 -18.75
C VAL B 220 5.25 -5.33 -19.85
N ALA B 221 4.19 -5.41 -20.65
CA ALA B 221 4.11 -6.39 -21.73
C ALA B 221 5.05 -6.12 -22.90
N LEU B 222 5.79 -5.02 -22.85
CA LEU B 222 6.71 -4.69 -23.92
C LEU B 222 7.99 -5.51 -23.84
N GLY B 223 8.18 -6.20 -22.70
CA GLY B 223 9.33 -7.05 -22.54
C GLY B 223 10.55 -6.49 -21.82
N HIS B 224 10.57 -5.18 -21.57
CA HIS B 224 11.70 -4.56 -20.90
C HIS B 224 11.36 -4.38 -19.42
N PRO B 225 12.37 -4.28 -18.55
CA PRO B 225 12.06 -4.09 -17.13
C PRO B 225 11.35 -2.74 -17.05
N VAL B 226 10.42 -2.59 -16.12
CA VAL B 226 9.70 -1.33 -15.98
C VAL B 226 9.99 -0.71 -14.63
N LEU B 227 10.19 0.60 -14.63
CA LEU B 227 10.48 1.34 -13.41
C LEU B 227 9.46 2.45 -13.24
N VAL B 228 8.94 2.61 -12.01
CA VAL B 228 8.00 3.70 -11.76
C VAL B 228 8.31 4.35 -10.45
N GLY B 229 7.92 5.63 -10.37
CA GLY B 229 8.16 6.42 -9.16
C GLY B 229 7.06 7.45 -8.98
N LEU B 230 6.19 7.19 -7.99
CA LEU B 230 5.16 8.17 -7.65
C LEU B 230 5.37 8.76 -6.25
N SER B 231 6.49 8.39 -5.62
CA SER B 231 6.76 8.86 -4.27
C SER B 231 6.52 10.37 -4.12
N ARG B 232 5.55 10.71 -3.24
CA ARG B 232 5.25 12.10 -2.89
C ARG B 232 4.80 13.00 -4.05
N LYS B 233 4.45 12.42 -5.19
CA LYS B 233 4.03 13.24 -6.33
C LYS B 233 2.64 13.87 -6.17
N ARG B 234 2.37 14.89 -6.97
CA ARG B 234 1.09 15.60 -6.92
C ARG B 234 -0.09 14.65 -7.05
N THR B 235 0.00 13.66 -7.94
CA THR B 235 -1.10 12.71 -8.12
C THR B 235 -1.45 12.03 -6.79
N ILE B 236 -0.43 11.69 -6.01
CA ILE B 236 -0.68 11.04 -4.71
C ILE B 236 -1.39 12.03 -3.79
N GLY B 237 -0.95 13.28 -3.81
CA GLY B 237 -1.59 14.29 -2.98
C GLY B 237 -3.05 14.47 -3.37
N GLU B 238 -3.32 14.52 -4.66
CA GLU B 238 -4.68 14.71 -5.15
C GLU B 238 -5.62 13.56 -4.77
N LEU B 239 -5.13 12.34 -4.87
CA LEU B 239 -5.96 11.16 -4.56
C LEU B 239 -6.12 10.89 -3.06
N SER B 240 -5.06 11.15 -2.29
CA SER B 240 -5.10 10.89 -0.86
C SER B 240 -5.52 12.10 -0.02
N GLY B 241 -5.57 13.28 -0.63
CA GLY B 241 -5.95 14.49 0.08
C GLY B 241 -4.89 14.96 1.08
N VAL B 242 -3.63 14.72 0.77
CA VAL B 242 -2.53 15.10 1.65
C VAL B 242 -1.78 16.31 1.08
N GLU B 243 -1.97 17.46 1.73
CA GLU B 243 -1.37 18.72 1.30
C GLU B 243 0.16 18.74 1.26
N ASP B 244 0.79 18.19 2.29
CA ASP B 244 2.25 18.17 2.40
C ASP B 244 2.89 17.00 1.68
N PRO B 245 3.72 17.27 0.65
CA PRO B 245 4.37 16.20 -0.10
C PRO B 245 5.15 15.24 0.81
N ALA B 246 5.74 15.78 1.87
CA ALA B 246 6.52 14.97 2.80
C ALA B 246 5.72 13.96 3.62
N GLN B 247 4.39 14.10 3.63
CA GLN B 247 3.56 13.18 4.41
C GLN B 247 2.72 12.25 3.53
N ARG B 248 3.17 12.02 2.30
CA ARG B 248 2.43 11.19 1.35
C ARG B 248 2.87 9.73 1.25
N VAL B 249 3.56 9.23 2.26
CA VAL B 249 4.01 7.84 2.17
C VAL B 249 2.90 6.79 2.01
N HIS B 250 1.77 6.95 2.70
CA HIS B 250 0.73 5.92 2.59
C HIS B 250 0.10 5.86 1.19
N GLY B 251 -0.19 7.02 0.59
CA GLY B 251 -0.75 7.02 -0.76
C GLY B 251 0.31 6.55 -1.74
N SER B 252 1.58 6.86 -1.46
CA SER B 252 2.66 6.44 -2.35
C SER B 252 2.83 4.92 -2.34
N VAL B 253 2.83 4.34 -1.14
CA VAL B 253 2.95 2.89 -0.99
C VAL B 253 1.78 2.20 -1.70
N ALA B 254 0.58 2.76 -1.55
CA ALA B 254 -0.60 2.19 -2.20
C ALA B 254 -0.45 2.19 -3.73
N ALA B 255 -0.01 3.31 -4.30
CA ALA B 255 0.17 3.41 -5.74
C ALA B 255 1.20 2.40 -6.22
N HIS B 256 2.31 2.32 -5.50
CA HIS B 256 3.39 1.39 -5.83
C HIS B 256 2.98 -0.08 -5.73
N LEU B 257 2.15 -0.43 -4.75
CA LEU B 257 1.71 -1.82 -4.62
C LEU B 257 0.83 -2.14 -5.82
N PHE B 258 0.02 -1.18 -6.24
CA PHE B 258 -0.83 -1.37 -7.41
C PHE B 258 0.06 -1.61 -8.63
N ALA B 259 1.13 -0.83 -8.76
CA ALA B 259 2.08 -1.00 -9.87
C ALA B 259 2.74 -2.38 -9.81
N VAL B 260 3.09 -2.82 -8.61
CA VAL B 260 3.71 -4.13 -8.45
C VAL B 260 2.71 -5.20 -8.90
N MET B 261 1.44 -5.01 -8.55
CA MET B 261 0.40 -5.95 -8.94
C MET B 261 0.29 -5.99 -10.47
N LYS B 262 0.63 -4.87 -11.12
CA LYS B 262 0.60 -4.81 -12.59
C LYS B 262 1.84 -5.39 -13.24
N GLY B 263 2.79 -5.83 -12.43
CA GLY B 263 4.00 -6.44 -12.97
C GLY B 263 5.29 -5.65 -12.87
N VAL B 264 5.25 -4.46 -12.28
CA VAL B 264 6.46 -3.65 -12.13
C VAL B 264 7.31 -4.23 -11.01
N ARG B 265 8.62 -4.31 -11.24
CA ARG B 265 9.52 -4.86 -10.23
C ARG B 265 10.62 -3.92 -9.79
N LEU B 266 10.55 -2.68 -10.24
CA LEU B 266 11.54 -1.65 -9.88
C LEU B 266 10.78 -0.40 -9.45
N LEU B 267 11.04 0.07 -8.24
CA LEU B 267 10.38 1.25 -7.69
C LEU B 267 11.36 2.31 -7.21
N ARG B 268 11.12 3.56 -7.61
CA ARG B 268 11.96 4.69 -7.20
C ARG B 268 11.23 5.29 -6.00
N VAL B 269 11.83 5.22 -4.82
CA VAL B 269 11.16 5.72 -3.62
C VAL B 269 12.00 6.58 -2.68
N HIS B 270 11.31 7.32 -1.83
CA HIS B 270 11.96 8.16 -0.82
C HIS B 270 11.99 7.40 0.50
N ASP B 271 10.84 6.86 0.93
CA ASP B 271 10.78 6.11 2.19
C ASP B 271 11.08 4.64 1.93
N VAL B 272 12.35 4.28 2.02
CA VAL B 272 12.78 2.91 1.77
C VAL B 272 12.20 1.90 2.75
N ARG B 273 12.30 2.19 4.05
CA ARG B 273 11.80 1.29 5.07
C ARG B 273 10.31 1.00 4.93
N ALA B 274 9.51 2.04 4.70
CA ALA B 274 8.07 1.88 4.54
C ALA B 274 7.77 0.89 3.42
N HIS B 275 8.47 1.04 2.30
CA HIS B 275 8.25 0.13 1.17
C HIS B 275 8.72 -1.28 1.42
N ARG B 276 9.85 -1.43 2.12
CA ARG B 276 10.35 -2.77 2.42
C ARG B 276 9.36 -3.48 3.34
N GLU B 277 8.79 -2.74 4.29
CA GLU B 277 7.81 -3.34 5.20
C GLU B 277 6.53 -3.72 4.47
N ALA B 278 6.02 -2.83 3.62
CA ALA B 278 4.80 -3.13 2.86
C ALA B 278 5.01 -4.31 1.92
N LEU B 279 6.16 -4.33 1.24
CA LEU B 279 6.45 -5.41 0.28
C LEU B 279 6.66 -6.75 0.97
N GLY B 280 7.13 -6.72 2.22
CA GLY B 280 7.33 -7.95 2.95
C GLY B 280 5.99 -8.65 3.06
N VAL B 281 4.95 -7.87 3.33
CA VAL B 281 3.60 -8.42 3.44
C VAL B 281 3.06 -8.74 2.04
N TRP B 282 3.05 -7.75 1.16
CA TRP B 282 2.50 -7.94 -0.17
C TRP B 282 3.04 -9.14 -0.95
N GLU B 283 4.36 -9.25 -1.02
CA GLU B 283 4.96 -10.33 -1.78
C GLU B 283 4.72 -11.72 -1.20
N ALA B 284 4.40 -11.79 0.08
CA ALA B 284 4.13 -13.07 0.71
C ALA B 284 2.68 -13.48 0.42
N LEU B 285 1.83 -12.49 0.14
CA LEU B 285 0.42 -12.74 -0.13
C LEU B 285 0.06 -12.91 -1.60
N TYR B 286 0.60 -12.05 -2.46
CA TYR B 286 0.30 -12.12 -3.88
C TYR B 286 1.08 -13.25 -4.54
C1' PAB C . 4.97 15.55 -9.43
O1' PAB C . 4.52 15.76 -8.31
O2' PAB C . 4.10 15.34 -10.28
C1 PAB C . 6.37 15.56 -9.77
C2 PAB C . 7.40 15.80 -8.79
C3 PAB C . 8.76 15.80 -9.12
C4 PAB C . 9.15 15.56 -10.47
C5 PAB C . 8.17 15.32 -11.45
C6 PAB C . 6.80 15.32 -11.11
N4 PAB C . 10.42 15.54 -10.86
#